data_4FSM
#
_entry.id   4FSM
#
_cell.length_a   45.050
_cell.length_b   66.543
_cell.length_c   57.831
_cell.angle_alpha   90.000
_cell.angle_beta   94.730
_cell.angle_gamma   90.000
#
_symmetry.space_group_name_H-M   'P 1 21 1'
#
loop_
_entity.id
_entity.type
_entity.pdbx_description
1 polymer 'Serine/threonine-protein kinase Chk1'
2 non-polymer 4-(6,7-dimethoxy-2,4-dihydroindeno[1,2-c]pyrazol-3-yl)phenol
3 non-polymer 'SULFATE ION'
4 non-polymer GLYCEROL
5 non-polymer 'ISOPROPYL ALCOHOL'
6 water water
#
_entity_poly.entity_id   1
_entity_poly.type   'polypeptide(L)'
_entity_poly.pdbx_seq_one_letter_code
;AVPFVEDWDLVQTLGEGAYGEVQLAVNRVTEEAVAVKIVDMKRAVDCPENIKKEICINKMLNHENVVKFYGHRREGNIQY
LFLEYCSGGELFDRIEPDIGMPEPDAQRFFHQLMAGVVYLHGIGITHRDIKPENLLLDERDNLKISDFGLATVFRYNNRE
RLLNKMCGTLPYVAPELLKRREFHAEPVDVWSCGIVLTAMLAGELPWDQPSDSCQEYSDWKEKKTYLNPWKKIDSAPLAL
LHKILVENPSARITIPDIKKDRWYNKPLKKGAKRPRVTS
;
_entity_poly.pdbx_strand_id   A
#
loop_
_chem_comp.id
_chem_comp.type
_chem_comp.name
_chem_comp.formula
GOL non-polymer GLYCEROL 'C3 H8 O3'
HK1 non-polymer 4-(6,7-dimethoxy-2,4-dihydroindeno[1,2-c]pyrazol-3-yl)phenol 'C18 H16 N2 O3'
IPA non-polymer 'ISOPROPYL ALCOHOL' 'C3 H8 O'
SO4 non-polymer 'SULFATE ION' 'O4 S -2'
#
# COMPACT_ATOMS: atom_id res chain seq x y z
N VAL A 2 12.47 -19.94 -30.29
CA VAL A 2 11.14 -20.47 -29.98
C VAL A 2 10.04 -19.52 -30.49
N PRO A 3 9.28 -19.91 -31.54
CA PRO A 3 8.26 -18.99 -32.06
C PRO A 3 7.09 -18.72 -31.10
N PHE A 4 6.46 -17.54 -31.28
CA PHE A 4 5.23 -17.04 -30.62
C PHE A 4 5.32 -16.81 -29.08
N VAL A 5 6.49 -17.08 -28.44
CA VAL A 5 6.68 -16.91 -26.98
C VAL A 5 6.54 -15.39 -26.58
N GLU A 6 6.65 -14.48 -27.56
CA GLU A 6 6.50 -13.05 -27.29
C GLU A 6 5.06 -12.58 -27.52
N ASP A 7 4.14 -13.51 -27.86
CA ASP A 7 2.73 -13.16 -28.11
C ASP A 7 1.85 -13.35 -26.87
N TRP A 8 1.08 -12.31 -26.53
CA TRP A 8 0.18 -12.28 -25.38
C TRP A 8 -1.25 -12.02 -25.84
N ASP A 9 -2.23 -12.67 -25.18
CA ASP A 9 -3.64 -12.46 -25.44
C ASP A 9 -4.27 -11.72 -24.25
N LEU A 10 -4.94 -10.60 -24.53
CA LEU A 10 -5.62 -9.80 -23.49
C LEU A 10 -6.96 -10.46 -23.25
N VAL A 11 -7.10 -11.15 -22.10
CA VAL A 11 -8.29 -11.96 -21.84
C VAL A 11 -9.34 -11.30 -20.91
N GLN A 12 -8.98 -10.29 -20.08
CA GLN A 12 -9.97 -9.57 -19.25
C GLN A 12 -9.39 -8.29 -18.63
N THR A 13 -10.28 -7.31 -18.34
CA THR A 13 -9.90 -6.04 -17.74
C THR A 13 -9.83 -6.22 -16.22
N LEU A 14 -8.69 -5.82 -15.65
CA LEU A 14 -8.43 -5.91 -14.21
C LEU A 14 -8.73 -4.59 -13.49
N GLY A 15 -8.58 -3.48 -14.20
CA GLY A 15 -8.81 -2.15 -13.65
C GLY A 15 -8.74 -1.06 -14.71
N GLU A 16 -9.30 0.13 -14.39
CA GLU A 16 -9.33 1.30 -15.27
C GLU A 16 -8.78 2.55 -14.57
N GLY A 20 -6.09 5.30 -18.14
CA GLY A 20 -5.84 4.10 -18.92
C GLY A 20 -6.51 2.85 -18.40
N GLU A 21 -5.91 1.66 -18.66
CA GLU A 21 -6.46 0.38 -18.22
C GLU A 21 -5.37 -0.68 -17.95
N VAL A 22 -5.71 -1.66 -17.10
CA VAL A 22 -4.86 -2.79 -16.78
C VAL A 22 -5.59 -4.04 -17.26
N GLN A 23 -4.94 -4.83 -18.13
CA GLN A 23 -5.53 -6.04 -18.69
C GLN A 23 -4.77 -7.27 -18.25
N LEU A 24 -5.50 -8.37 -18.03
CA LEU A 24 -4.88 -9.66 -17.75
C LEU A 24 -4.43 -10.21 -19.11
N ALA A 25 -3.11 -10.43 -19.25
CA ALA A 25 -2.51 -10.94 -20.46
C ALA A 25 -1.99 -12.34 -20.22
N VAL A 26 -2.28 -13.26 -21.16
CA VAL A 26 -1.88 -14.65 -21.07
C VAL A 26 -0.98 -14.97 -22.28
N ASN A 27 0.23 -15.50 -22.02
CA ASN A 27 1.19 -15.89 -23.06
C ASN A 27 0.63 -17.05 -23.89
N ARG A 28 0.64 -16.88 -25.22
CA ARG A 28 0.21 -17.81 -26.25
C ARG A 28 0.91 -19.18 -26.14
N VAL A 29 2.22 -19.20 -25.81
CA VAL A 29 2.98 -20.44 -25.73
C VAL A 29 2.92 -21.02 -24.31
N THR A 30 3.42 -20.27 -23.32
CA THR A 30 3.61 -20.74 -21.93
C THR A 30 2.38 -20.69 -21.05
N GLU A 31 1.39 -19.83 -21.39
CA GLU A 31 0.16 -19.54 -20.63
C GLU A 31 0.47 -18.78 -19.32
N GLU A 32 1.68 -18.19 -19.22
CA GLU A 32 2.09 -17.35 -18.08
C GLU A 32 1.17 -16.14 -18.06
N ALA A 33 0.63 -15.81 -16.88
CA ALA A 33 -0.24 -14.65 -16.76
C ALA A 33 0.53 -13.45 -16.23
N VAL A 34 0.33 -12.30 -16.88
CA VAL A 34 0.90 -11.01 -16.49
C VAL A 34 -0.22 -9.97 -16.59
N ALA A 35 -0.04 -8.83 -15.93
CA ALA A 35 -0.96 -7.70 -16.00
C ALA A 35 -0.32 -6.65 -16.90
N VAL A 36 -1.06 -6.17 -17.91
CA VAL A 36 -0.48 -5.19 -18.83
C VAL A 36 -1.22 -3.86 -18.64
N LYS A 37 -0.45 -2.82 -18.29
CA LYS A 37 -0.95 -1.47 -18.07
C LYS A 37 -0.83 -0.71 -19.37
N ILE A 38 -1.97 -0.23 -19.89
CA ILE A 38 -2.06 0.52 -21.15
C ILE A 38 -2.32 1.98 -20.81
N VAL A 39 -1.32 2.85 -21.08
CA VAL A 39 -1.33 4.28 -20.77
C VAL A 39 -1.19 5.08 -22.07
N ASN A 50 5.34 11.46 -14.59
CA ASN A 50 4.11 10.77 -15.01
C ASN A 50 4.41 9.29 -15.38
N ILE A 51 4.32 8.91 -16.67
CA ILE A 51 4.57 7.53 -17.12
C ILE A 51 6.09 7.28 -17.28
N LYS A 52 6.85 8.29 -17.75
CA LYS A 52 8.31 8.17 -17.90
C LYS A 52 8.97 7.91 -16.52
N LYS A 53 8.47 8.59 -15.48
CA LYS A 53 8.96 8.45 -14.10
C LYS A 53 8.56 7.09 -13.55
N GLU A 54 7.30 6.63 -13.86
CA GLU A 54 6.74 5.35 -13.44
C GLU A 54 7.58 4.19 -13.91
N ILE A 55 8.03 4.24 -15.18
CA ILE A 55 8.85 3.19 -15.80
C ILE A 55 10.23 3.18 -15.11
N CYS A 56 10.83 4.37 -14.94
CA CYS A 56 12.14 4.52 -14.30
CA CYS A 56 12.13 4.57 -14.30
C CYS A 56 12.12 4.04 -12.84
N ILE A 57 11.05 4.39 -12.06
CA ILE A 57 10.94 3.94 -10.67
C ILE A 57 10.76 2.40 -10.63
N ASN A 58 9.87 1.85 -11.49
CA ASN A 58 9.63 0.39 -11.57
C ASN A 58 10.90 -0.42 -11.95
N LYS A 59 11.84 0.17 -12.71
CA LYS A 59 13.12 -0.45 -13.10
C LYS A 59 14.08 -0.60 -11.91
N MET A 60 13.88 0.18 -10.83
CA MET A 60 14.69 0.13 -9.62
C MET A 60 14.18 -0.95 -8.63
N LEU A 61 12.91 -1.38 -8.78
CA LEU A 61 12.24 -2.23 -7.81
C LEU A 61 12.41 -3.72 -7.99
N ASN A 62 12.84 -4.37 -6.91
CA ASN A 62 12.99 -5.82 -6.80
C ASN A 62 12.83 -6.23 -5.34
N HIS A 63 11.60 -6.64 -4.96
CA HIS A 63 11.25 -7.06 -3.59
C HIS A 63 10.01 -7.92 -3.62
N GLU A 64 9.93 -8.91 -2.70
CA GLU A 64 8.84 -9.88 -2.58
C GLU A 64 7.47 -9.23 -2.23
N ASN A 65 7.43 -7.97 -1.74
CA ASN A 65 6.16 -7.28 -1.42
C ASN A 65 5.93 -6.04 -2.32
N VAL A 66 6.53 -6.05 -3.51
CA VAL A 66 6.38 -5.01 -4.52
C VAL A 66 6.08 -5.73 -5.82
N VAL A 67 5.03 -5.28 -6.53
CA VAL A 67 4.61 -5.84 -7.81
C VAL A 67 5.80 -5.77 -8.80
N LYS A 68 6.15 -6.92 -9.37
CA LYS A 68 7.28 -7.06 -10.30
C LYS A 68 7.02 -6.37 -11.62
N PHE A 69 8.07 -5.72 -12.11
CA PHE A 69 8.12 -5.06 -13.41
C PHE A 69 8.90 -5.97 -14.36
N TYR A 70 8.25 -6.42 -15.44
CA TYR A 70 8.91 -7.29 -16.41
C TYR A 70 9.53 -6.48 -17.54
N GLY A 71 8.87 -5.39 -17.90
CA GLY A 71 9.35 -4.48 -18.95
C GLY A 71 8.25 -3.65 -19.56
N HIS A 72 8.63 -2.80 -20.51
CA HIS A 72 7.70 -1.93 -21.20
C HIS A 72 7.95 -1.93 -22.72
N ARG A 73 6.92 -1.63 -23.49
CA ARG A 73 6.98 -1.51 -24.95
C ARG A 73 6.07 -0.36 -25.37
N ARG A 74 6.49 0.40 -26.40
CA ARG A 74 5.70 1.52 -26.90
C ARG A 74 5.37 1.32 -28.38
N GLU A 75 4.06 1.19 -28.68
CA GLU A 75 3.57 1.04 -30.06
C GLU A 75 2.93 2.37 -30.47
N GLY A 76 3.79 3.31 -30.88
CA GLY A 76 3.41 4.65 -31.32
C GLY A 76 3.18 5.58 -30.15
N ASN A 77 1.91 5.92 -29.89
CA ASN A 77 1.49 6.81 -28.80
C ASN A 77 1.12 6.04 -27.52
N ILE A 78 0.87 4.72 -27.63
CA ILE A 78 0.48 3.85 -26.51
C ILE A 78 1.71 3.17 -25.85
N GLN A 79 1.79 3.26 -24.51
CA GLN A 79 2.82 2.63 -23.68
C GLN A 79 2.22 1.39 -23.00
N TYR A 80 2.88 0.23 -23.15
CA TYR A 80 2.47 -1.06 -22.58
C TYR A 80 3.41 -1.49 -21.46
N LEU A 81 2.95 -1.40 -20.20
CA LEU A 81 3.77 -1.78 -19.06
C LEU A 81 3.43 -3.20 -18.66
N PHE A 82 4.43 -4.10 -18.69
CA PHE A 82 4.26 -5.52 -18.34
C PHE A 82 4.55 -5.70 -16.89
N LEU A 83 3.50 -6.00 -16.12
CA LEU A 83 3.61 -6.10 -14.67
C LEU A 83 3.04 -7.41 -14.15
N GLU A 84 3.32 -7.69 -12.87
CA GLU A 84 2.93 -8.90 -12.19
C GLU A 84 1.42 -9.04 -12.06
N TYR A 85 0.92 -10.23 -12.38
CA TYR A 85 -0.48 -10.55 -12.20
C TYR A 85 -0.62 -11.14 -10.82
N CYS A 86 -1.50 -10.54 -10.01
CA CYS A 86 -1.71 -10.97 -8.65
C CYS A 86 -3.12 -11.58 -8.59
N SER A 87 -3.20 -12.92 -8.66
CA SER A 87 -4.45 -13.71 -8.75
C SER A 87 -5.36 -13.60 -7.52
N GLY A 88 -4.81 -13.19 -6.38
CA GLY A 88 -5.58 -12.96 -5.17
C GLY A 88 -6.36 -11.66 -5.23
N GLY A 89 -6.04 -10.82 -6.21
CA GLY A 89 -6.70 -9.54 -6.43
C GLY A 89 -6.32 -8.45 -5.44
N GLU A 90 -7.24 -7.53 -5.15
CA GLU A 90 -7.00 -6.41 -4.26
C GLU A 90 -7.30 -6.71 -2.81
N LEU A 91 -6.55 -6.07 -1.89
CA LEU A 91 -6.77 -6.11 -0.44
C LEU A 91 -8.13 -5.51 -0.11
N PHE A 92 -8.53 -4.50 -0.91
CA PHE A 92 -9.80 -3.80 -0.83
C PHE A 92 -10.94 -4.82 -0.81
N ASP A 93 -10.89 -5.86 -1.67
CA ASP A 93 -11.96 -6.88 -1.76
C ASP A 93 -11.87 -7.95 -0.68
N ARG A 94 -10.96 -7.80 0.29
CA ARG A 94 -10.83 -8.68 1.43
C ARG A 94 -11.41 -8.01 2.63
N ILE A 95 -11.69 -6.70 2.51
CA ILE A 95 -12.24 -5.90 3.60
C ILE A 95 -13.76 -5.95 3.52
N GLU A 96 -14.42 -6.53 4.54
CA GLU A 96 -15.88 -6.56 4.58
C GLU A 96 -16.39 -5.23 5.08
N PRO A 97 -17.24 -4.53 4.31
CA PRO A 97 -17.73 -3.20 4.75
C PRO A 97 -18.32 -3.25 6.16
N ASP A 98 -17.92 -2.28 7.00
CA ASP A 98 -18.29 -2.13 8.40
C ASP A 98 -17.81 -3.29 9.30
N ILE A 99 -17.08 -4.29 8.78
CA ILE A 99 -16.58 -5.40 9.60
C ILE A 99 -15.03 -5.45 9.61
N GLY A 100 -14.41 -5.44 8.44
CA GLY A 100 -12.98 -5.53 8.28
C GLY A 100 -12.60 -6.94 7.86
N MET A 101 -11.76 -7.59 8.66
CA MET A 101 -11.32 -8.98 8.44
C MET A 101 -10.78 -9.53 9.76
N PRO A 102 -10.59 -10.87 9.91
CA PRO A 102 -9.99 -11.38 11.16
C PRO A 102 -8.64 -10.69 11.44
N GLU A 103 -8.42 -10.30 12.70
CA GLU A 103 -7.23 -9.60 13.19
C GLU A 103 -5.89 -10.31 12.81
N PRO A 104 -5.77 -11.67 12.88
CA PRO A 104 -4.51 -12.33 12.47
C PRO A 104 -4.20 -12.14 10.97
N ASP A 105 -5.25 -12.04 10.11
CA ASP A 105 -5.09 -11.75 8.67
C ASP A 105 -4.56 -10.32 8.46
N ALA A 106 -5.19 -9.35 9.14
CA ALA A 106 -4.80 -7.96 9.07
C ALA A 106 -3.35 -7.78 9.56
N GLN A 107 -2.97 -8.52 10.61
CA GLN A 107 -1.61 -8.46 11.17
C GLN A 107 -0.59 -8.96 10.16
N ARG A 108 -0.85 -10.09 9.51
CA ARG A 108 0.01 -10.67 8.47
C ARG A 108 0.10 -9.71 7.28
N PHE A 109 -1.04 -9.15 6.81
CA PHE A 109 -0.99 -8.16 5.72
C PHE A 109 -0.21 -6.91 6.15
N PHE A 110 -0.40 -6.43 7.39
CA PHE A 110 0.33 -5.26 7.89
C PHE A 110 1.85 -5.54 8.00
N HIS A 111 2.26 -6.76 8.39
CA HIS A 111 3.68 -7.15 8.43
C HIS A 111 4.27 -7.00 7.04
N GLN A 112 3.54 -7.47 6.03
CA GLN A 112 3.97 -7.49 4.65
C GLN A 112 3.99 -6.10 4.03
N LEU A 113 3.01 -5.26 4.38
CA LEU A 113 2.96 -3.88 3.98
C LEU A 113 4.21 -3.14 4.49
N MET A 114 4.59 -3.36 5.75
CA MET A 114 5.80 -2.76 6.34
C MET A 114 7.06 -3.24 5.63
N ALA A 115 7.20 -4.56 5.36
CA ALA A 115 8.36 -5.07 4.66
C ALA A 115 8.54 -4.34 3.31
N GLY A 116 7.44 -4.14 2.57
CA GLY A 116 7.45 -3.43 1.29
C GLY A 116 7.82 -1.96 1.41
N VAL A 117 7.20 -1.25 2.37
CA VAL A 117 7.41 0.18 2.63
C VAL A 117 8.87 0.41 3.14
N VAL A 118 9.38 -0.49 4.01
CA VAL A 118 10.78 -0.42 4.50
C VAL A 118 11.73 -0.51 3.31
N TYR A 119 11.42 -1.42 2.38
CA TYR A 119 12.19 -1.63 1.17
C TYR A 119 12.25 -0.36 0.34
N LEU A 120 11.07 0.16 -0.04
CA LEU A 120 10.95 1.35 -0.86
C LEU A 120 11.67 2.53 -0.21
N HIS A 121 11.47 2.74 1.12
CA HIS A 121 12.09 3.85 1.84
C HIS A 121 13.61 3.70 1.89
N GLY A 122 14.08 2.46 2.05
CA GLY A 122 15.52 2.16 2.07
C GLY A 122 16.20 2.51 0.77
N ILE A 123 15.48 2.43 -0.36
CA ILE A 123 16.05 2.81 -1.65
C ILE A 123 15.64 4.25 -2.02
N GLY A 124 15.06 4.97 -1.07
CA GLY A 124 14.70 6.39 -1.20
C GLY A 124 13.49 6.69 -2.05
N ILE A 125 12.55 5.74 -2.13
CA ILE A 125 11.30 5.88 -2.89
C ILE A 125 10.12 6.00 -1.93
N THR A 126 9.26 6.97 -2.19
CA THR A 126 8.00 7.09 -1.47
C THR A 126 6.87 6.84 -2.46
N HIS A 127 5.91 6.00 -2.07
CA HIS A 127 4.79 5.58 -2.91
C HIS A 127 3.80 6.73 -3.13
N ARG A 128 3.42 7.38 -2.00
CA ARG A 128 2.57 8.57 -1.92
C ARG A 128 1.06 8.34 -2.15
N ASP A 129 0.61 7.09 -2.38
CA ASP A 129 -0.81 6.78 -2.57
C ASP A 129 -1.18 5.37 -2.04
N ILE A 130 -0.66 4.99 -0.87
CA ILE A 130 -0.96 3.67 -0.28
C ILE A 130 -2.42 3.64 0.17
N LYS A 131 -3.16 2.62 -0.31
CA LYS A 131 -4.56 2.35 -0.05
C LYS A 131 -4.86 0.91 -0.45
N PRO A 132 -5.95 0.30 0.07
CA PRO A 132 -6.19 -1.13 -0.21
C PRO A 132 -6.43 -1.45 -1.70
N GLU A 133 -6.89 -0.46 -2.50
CA GLU A 133 -7.10 -0.60 -3.95
C GLU A 133 -5.75 -0.88 -4.66
N ASN A 134 -4.64 -0.40 -4.06
CA ASN A 134 -3.28 -0.51 -4.60
C ASN A 134 -2.49 -1.66 -4.00
N LEU A 135 -3.04 -2.33 -3.00
CA LEU A 135 -2.32 -3.42 -2.35
C LEU A 135 -2.92 -4.69 -2.87
N LEU A 136 -2.13 -5.41 -3.68
CA LEU A 136 -2.57 -6.61 -4.38
C LEU A 136 -2.09 -7.86 -3.68
N LEU A 137 -2.74 -8.98 -4.00
CA LEU A 137 -2.41 -10.26 -3.36
C LEU A 137 -2.05 -11.32 -4.41
N ASP A 138 -0.93 -12.05 -4.21
CA ASP A 138 -0.59 -13.11 -5.16
C ASP A 138 -1.42 -14.38 -4.84
N GLU A 139 -1.06 -15.54 -5.45
CA GLU A 139 -1.74 -16.84 -5.29
C GLU A 139 -1.71 -17.33 -3.82
N ARG A 140 -0.63 -17.01 -3.08
CA ARG A 140 -0.43 -17.40 -1.67
C ARG A 140 -0.84 -16.28 -0.70
N ASP A 141 -1.64 -15.31 -1.18
CA ASP A 141 -2.17 -14.17 -0.42
C ASP A 141 -1.04 -13.28 0.16
N ASN A 142 0.09 -13.23 -0.54
CA ASN A 142 1.21 -12.36 -0.18
C ASN A 142 0.92 -11.01 -0.74
N LEU A 143 0.97 -10.00 0.12
CA LEU A 143 0.72 -8.59 -0.22
C LEU A 143 1.86 -8.07 -1.07
N LYS A 144 1.48 -7.33 -2.12
CA LYS A 144 2.37 -6.69 -3.09
C LYS A 144 1.92 -5.24 -3.27
N ILE A 145 2.81 -4.27 -3.06
CA ILE A 145 2.50 -2.85 -3.28
C ILE A 145 2.50 -2.57 -4.80
N SER A 146 1.49 -1.86 -5.29
CA SER A 146 1.42 -1.54 -6.73
C SER A 146 1.14 -0.05 -6.99
N ASP A 147 1.25 0.34 -8.29
CA ASP A 147 1.03 1.66 -8.87
C ASP A 147 2.06 2.69 -8.35
N PHE A 148 3.10 2.91 -9.17
CA PHE A 148 4.19 3.84 -8.86
C PHE A 148 4.08 5.12 -9.68
N GLY A 149 2.86 5.40 -10.14
CA GLY A 149 2.48 6.58 -10.91
C GLY A 149 2.57 7.87 -10.12
N LEU A 150 2.39 7.82 -8.78
CA LEU A 150 2.52 9.01 -7.93
C LEU A 150 3.82 8.97 -7.10
N ALA A 151 4.62 7.91 -7.27
CA ALA A 151 5.85 7.70 -6.52
C ALA A 151 6.97 8.66 -6.94
N THR A 152 7.90 8.94 -6.00
CA THR A 152 9.02 9.84 -6.27
C THR A 152 10.22 9.51 -5.38
N VAL A 153 11.38 9.99 -5.81
CA VAL A 153 12.66 9.87 -5.10
C VAL A 153 12.70 10.96 -4.05
N PHE A 154 12.75 10.60 -2.76
CA PHE A 154 12.85 11.61 -1.69
C PHE A 154 14.27 11.61 -1.09
N ARG A 155 15.11 10.61 -1.42
CA ARG A 155 16.49 10.53 -0.90
C ARG A 155 17.39 10.09 -2.02
N TYR A 156 18.42 10.91 -2.29
CA TYR A 156 19.39 10.69 -3.36
C TYR A 156 20.76 11.14 -2.91
N ASN A 157 21.78 10.26 -3.08
CA ASN A 157 23.17 10.48 -2.66
C ASN A 157 23.18 10.76 -1.16
N ASN A 158 22.31 10.02 -0.42
CA ASN A 158 22.16 10.12 1.05
C ASN A 158 21.71 11.52 1.49
N ARG A 159 20.99 12.23 0.60
CA ARG A 159 20.45 13.55 0.91
CA ARG A 159 20.47 13.54 0.92
C ARG A 159 18.96 13.52 0.75
N GLU A 160 18.26 13.90 1.80
CA GLU A 160 16.82 13.91 1.78
C GLU A 160 16.24 15.20 1.22
N ARG A 161 15.26 15.06 0.33
CA ARG A 161 14.56 16.24 -0.17
CA ARG A 161 14.55 16.21 -0.21
C ARG A 161 13.13 16.20 0.36
N LEU A 162 12.71 17.33 0.90
CA LEU A 162 11.38 17.51 1.48
C LEU A 162 10.40 17.62 0.35
N LEU A 163 9.18 17.12 0.55
CA LEU A 163 8.17 17.16 -0.50
C LEU A 163 7.28 18.39 -0.30
N ASN A 164 6.61 18.83 -1.35
CA ASN A 164 5.68 19.97 -1.32
C ASN A 164 4.45 19.70 -2.17
N LYS A 165 4.52 18.69 -3.04
CA LYS A 165 3.46 18.33 -3.96
C LYS A 165 2.36 17.58 -3.20
N MET A 166 1.12 18.03 -3.41
CA MET A 166 -0.04 17.43 -2.77
C MET A 166 -0.59 16.36 -3.67
N CYS A 167 -0.53 15.12 -3.20
CA CYS A 167 -1.04 13.97 -3.90
C CYS A 167 -1.36 12.86 -2.94
N GLY A 168 -2.04 11.86 -3.47
CA GLY A 168 -2.59 10.77 -2.71
C GLY A 168 -4.10 10.80 -2.84
N THR A 169 -4.81 10.31 -1.82
CA THR A 169 -6.28 10.17 -1.79
C THR A 169 -6.69 10.69 -0.45
N LEU A 170 -7.53 11.74 -0.42
CA LEU A 170 -7.91 12.50 0.79
C LEU A 170 -8.11 11.64 2.06
N PRO A 171 -8.92 10.55 2.08
CA PRO A 171 -9.08 9.76 3.31
C PRO A 171 -7.78 9.15 3.87
N TYR A 172 -6.78 8.88 3.01
CA TYR A 172 -5.47 8.29 3.35
C TYR A 172 -4.31 9.27 3.51
N VAL A 173 -4.53 10.56 3.19
CA VAL A 173 -3.45 11.57 3.26
CA VAL A 173 -3.46 11.56 3.22
C VAL A 173 -3.15 11.99 4.69
N ALA A 174 -1.87 12.24 4.97
CA ALA A 174 -1.42 12.67 6.29
C ALA A 174 -1.84 14.15 6.47
N PRO A 175 -2.14 14.58 7.72
CA PRO A 175 -2.59 15.98 7.92
C PRO A 175 -1.58 17.07 7.53
N GLU A 176 -0.23 16.80 7.60
CA GLU A 176 0.78 17.82 7.26
C GLU A 176 0.70 18.21 5.78
N LEU A 177 0.20 17.28 4.90
CA LEU A 177 0.06 17.54 3.48
CA LEU A 177 0.01 17.57 3.47
C LEU A 177 -1.03 18.63 3.25
N LEU A 178 -2.03 18.70 4.14
CA LEU A 178 -3.10 19.73 4.05
C LEU A 178 -2.76 21.00 4.87
N LYS A 179 -1.75 20.98 5.74
CA LYS A 179 -1.45 22.12 6.63
C LYS A 179 -0.12 22.79 6.35
N ARG A 180 0.86 22.02 5.88
CA ARG A 180 2.22 22.52 5.70
C ARG A 180 2.61 22.63 4.27
N ARG A 181 3.48 23.60 3.97
CA ARG A 181 4.03 23.83 2.63
C ARG A 181 4.99 22.70 2.27
N GLU A 182 5.85 22.29 3.22
CA GLU A 182 6.85 21.23 3.04
C GLU A 182 6.75 20.20 4.13
N PHE A 183 7.10 18.96 3.79
CA PHE A 183 6.99 17.83 4.72
C PHE A 183 7.93 16.70 4.34
N HIS A 184 8.29 15.88 5.35
CA HIS A 184 9.12 14.71 5.14
C HIS A 184 8.27 13.63 4.45
N ALA A 185 8.90 12.85 3.54
CA ALA A 185 8.16 11.83 2.81
C ALA A 185 7.71 10.61 3.64
N GLU A 186 8.64 10.03 4.42
CA GLU A 186 8.40 8.76 5.15
C GLU A 186 7.20 8.80 6.10
N PRO A 187 6.99 9.85 6.93
CA PRO A 187 5.80 9.86 7.81
C PRO A 187 4.47 9.87 7.06
N VAL A 188 4.45 10.37 5.81
CA VAL A 188 3.24 10.41 4.97
C VAL A 188 2.84 8.95 4.60
N ASP A 189 3.82 8.10 4.20
CA ASP A 189 3.52 6.69 3.86
C ASP A 189 3.14 5.87 5.10
N VAL A 190 3.69 6.21 6.28
CA VAL A 190 3.39 5.56 7.55
C VAL A 190 1.93 5.83 7.89
N TRP A 191 1.50 7.11 7.77
CA TRP A 191 0.14 7.52 8.06
C TRP A 191 -0.86 6.69 7.20
N SER A 192 -0.66 6.67 5.87
CA SER A 192 -1.55 5.94 4.94
C SER A 192 -1.63 4.44 5.33
N CYS A 193 -0.52 3.84 5.81
CA CYS A 193 -0.45 2.44 6.29
C CYS A 193 -1.32 2.29 7.54
N GLY A 194 -1.37 3.32 8.39
CA GLY A 194 -2.25 3.35 9.56
C GLY A 194 -3.71 3.46 9.15
N ILE A 195 -3.99 4.19 8.07
CA ILE A 195 -5.40 4.26 7.60
C ILE A 195 -5.80 2.88 7.01
N VAL A 196 -4.86 2.22 6.30
CA VAL A 196 -5.09 0.88 5.73
C VAL A 196 -5.37 -0.12 6.87
N LEU A 197 -4.58 -0.06 7.96
CA LEU A 197 -4.75 -0.94 9.12
C LEU A 197 -6.14 -0.73 9.74
N THR A 198 -6.60 0.54 9.81
CA THR A 198 -7.92 0.90 10.35
C THR A 198 -9.01 0.24 9.49
N ALA A 199 -8.88 0.34 8.13
CA ALA A 199 -9.84 -0.22 7.19
C ALA A 199 -9.89 -1.74 7.35
N MET A 200 -8.75 -2.38 7.49
CA MET A 200 -8.64 -3.83 7.67
C MET A 200 -9.33 -4.32 8.95
N LEU A 201 -9.28 -3.52 10.06
CA LEU A 201 -9.84 -3.95 11.35
C LEU A 201 -11.26 -3.45 11.62
N ALA A 202 -11.73 -2.41 10.87
CA ALA A 202 -13.04 -1.81 11.12
C ALA A 202 -13.95 -1.82 9.89
N GLY A 203 -13.39 -2.06 8.71
CA GLY A 203 -14.15 -2.09 7.45
C GLY A 203 -14.77 -0.75 7.10
N GLU A 204 -14.14 0.34 7.52
CA GLU A 204 -14.56 1.71 7.28
C GLU A 204 -13.38 2.66 7.51
N LEU A 205 -13.40 3.77 6.78
CA LEU A 205 -12.37 4.82 6.86
C LEU A 205 -12.77 5.79 7.95
N PRO A 206 -11.84 6.28 8.77
CA PRO A 206 -12.24 7.10 9.91
C PRO A 206 -12.70 8.53 9.55
N TRP A 207 -12.15 9.14 8.48
CA TRP A 207 -12.55 10.51 8.09
C TRP A 207 -12.43 10.74 6.57
N ASP A 208 -13.09 11.78 6.06
CA ASP A 208 -13.01 12.18 4.64
C ASP A 208 -11.63 12.76 4.34
N GLN A 209 -11.06 13.44 5.33
CA GLN A 209 -9.74 14.05 5.30
C GLN A 209 -9.26 14.34 6.74
N PRO A 210 -7.92 14.33 7.02
CA PRO A 210 -7.45 14.60 8.40
C PRO A 210 -7.36 16.12 8.70
N SER A 211 -8.53 16.79 8.80
CA SER A 211 -8.54 18.22 9.11
C SER A 211 -9.46 18.53 10.30
N ASP A 212 -9.19 19.64 11.00
CA ASP A 212 -9.94 20.12 12.17
C ASP A 212 -11.42 20.37 11.85
N SER A 213 -11.74 20.68 10.57
CA SER A 213 -13.11 20.89 10.09
C SER A 213 -13.88 19.56 10.07
N CYS A 214 -13.14 18.44 10.04
CA CYS A 214 -13.71 17.10 10.00
C CYS A 214 -13.98 16.63 11.43
N GLN A 215 -15.27 16.50 11.80
CA GLN A 215 -15.74 16.10 13.13
C GLN A 215 -15.10 14.78 13.58
N GLU A 216 -15.07 13.78 12.68
CA GLU A 216 -14.47 12.48 12.97
C GLU A 216 -12.98 12.62 13.31
N TYR A 217 -12.26 13.51 12.59
CA TYR A 217 -10.84 13.73 12.86
C TYR A 217 -10.65 14.40 14.23
N SER A 218 -11.48 15.40 14.58
CA SER A 218 -11.40 16.10 15.88
C SER A 218 -11.70 15.17 17.03
N ASP A 219 -12.64 14.23 16.85
CA ASP A 219 -13.03 13.23 17.87
C ASP A 219 -11.86 12.31 18.22
N TRP A 220 -11.10 11.86 17.20
CA TRP A 220 -9.92 11.03 17.35
C TRP A 220 -8.87 11.79 18.16
N LYS A 221 -8.57 13.05 17.77
CA LYS A 221 -7.61 13.90 18.50
C LYS A 221 -8.05 14.14 19.96
N GLU A 222 -9.38 14.14 20.22
CA GLU A 222 -9.98 14.27 21.56
C GLU A 222 -10.03 12.91 22.29
N LYS A 223 -9.50 11.84 21.65
CA LYS A 223 -9.38 10.46 22.15
C LYS A 223 -10.74 9.79 22.46
N LYS A 224 -11.75 10.11 21.66
CA LYS A 224 -13.09 9.52 21.82
C LYS A 224 -13.10 8.18 21.09
N THR A 225 -12.35 7.20 21.63
CA THR A 225 -12.19 5.86 21.03
C THR A 225 -13.41 4.96 21.36
N TYR A 226 -14.42 5.51 22.10
CA TYR A 226 -15.68 4.81 22.40
C TYR A 226 -16.57 4.87 21.16
N LEU A 227 -16.22 5.74 20.18
CA LEU A 227 -16.91 5.91 18.91
C LEU A 227 -16.27 5.03 17.82
N ASN A 228 -16.98 4.85 16.69
CA ASN A 228 -16.54 4.09 15.53
C ASN A 228 -15.55 4.90 14.70
N PRO A 229 -14.54 4.26 14.03
CA PRO A 229 -14.30 2.82 13.89
C PRO A 229 -13.51 2.18 15.04
N TRP A 230 -12.94 3.03 15.93
CA TRP A 230 -12.06 2.66 17.05
C TRP A 230 -12.72 1.67 18.02
N LYS A 231 -14.05 1.73 18.16
CA LYS A 231 -14.87 0.88 19.01
C LYS A 231 -14.75 -0.60 18.59
N LYS A 232 -14.57 -0.89 17.28
CA LYS A 232 -14.45 -2.23 16.70
C LYS A 232 -13.05 -2.79 16.76
N ILE A 233 -12.07 -1.96 17.18
CA ILE A 233 -10.66 -2.35 17.16
C ILE A 233 -10.20 -2.72 18.56
N ASP A 234 -9.51 -3.88 18.69
CA ASP A 234 -9.01 -4.34 19.98
C ASP A 234 -7.96 -3.37 20.49
N SER A 235 -7.85 -3.24 21.82
CA SER A 235 -6.96 -2.32 22.52
C SER A 235 -5.47 -2.43 22.10
N ALA A 236 -4.99 -3.63 21.81
CA ALA A 236 -3.59 -3.85 21.41
C ALA A 236 -3.34 -3.26 19.99
N PRO A 237 -4.06 -3.62 18.88
CA PRO A 237 -3.86 -2.90 17.62
C PRO A 237 -4.21 -1.40 17.70
N LEU A 238 -5.17 -1.06 18.54
CA LEU A 238 -5.60 0.33 18.70
C LEU A 238 -4.49 1.17 19.38
N ALA A 239 -3.65 0.57 20.27
CA ALA A 239 -2.49 1.23 20.88
C ALA A 239 -1.48 1.60 19.79
N LEU A 240 -1.35 0.76 18.75
CA LEU A 240 -0.49 0.99 17.58
C LEU A 240 -1.06 2.14 16.71
N LEU A 241 -2.38 2.11 16.43
CA LEU A 241 -3.00 3.17 15.63
C LEU A 241 -2.87 4.53 16.34
N HIS A 242 -2.83 4.53 17.70
CA HIS A 242 -2.64 5.76 18.49
C HIS A 242 -1.26 6.37 18.22
N LYS A 243 -0.25 5.52 17.94
CA LYS A 243 1.13 5.94 17.68
C LYS A 243 1.38 6.32 16.23
N ILE A 244 0.62 5.73 15.28
CA ILE A 244 0.70 6.02 13.85
C ILE A 244 -0.08 7.28 13.51
N LEU A 245 -1.36 7.36 13.88
CA LEU A 245 -2.18 8.47 13.47
C LEU A 245 -2.03 9.68 14.43
N VAL A 246 -0.77 10.12 14.60
CA VAL A 246 -0.30 11.27 15.37
C VAL A 246 -0.21 12.44 14.37
N GLU A 247 -0.89 13.58 14.66
CA GLU A 247 -0.93 14.75 13.75
C GLU A 247 0.48 15.30 13.44
N ASN A 248 1.30 15.51 14.47
CA ASN A 248 2.66 16.01 14.32
C ASN A 248 3.49 14.89 13.67
N PRO A 249 3.96 15.08 12.41
CA PRO A 249 4.72 14.02 11.74
C PRO A 249 6.09 13.73 12.38
N SER A 250 6.61 14.66 13.20
CA SER A 250 7.89 14.51 13.90
C SER A 250 7.72 13.66 15.16
N ALA A 251 6.50 13.61 15.72
CA ALA A 251 6.21 12.78 16.91
C ALA A 251 5.68 11.41 16.50
N ARG A 252 5.15 11.29 15.27
CA ARG A 252 4.60 10.05 14.72
C ARG A 252 5.64 8.92 14.77
N ILE A 253 5.17 7.71 15.08
CA ILE A 253 6.01 6.53 15.16
C ILE A 253 6.67 6.25 13.77
N THR A 254 7.90 5.74 13.81
CA THR A 254 8.65 5.40 12.61
C THR A 254 8.50 3.90 12.40
N ILE A 255 8.89 3.39 11.21
CA ILE A 255 8.79 1.97 10.93
C ILE A 255 9.69 1.17 11.90
N PRO A 256 10.97 1.55 12.22
CA PRO A 256 11.74 0.77 13.22
C PRO A 256 11.03 0.58 14.56
N ASP A 257 10.29 1.60 15.01
CA ASP A 257 9.57 1.53 16.27
C ASP A 257 8.24 0.73 16.13
N ILE A 258 7.59 0.77 14.94
CA ILE A 258 6.41 -0.04 14.64
C ILE A 258 6.73 -1.53 14.84
N LYS A 259 7.90 -1.98 14.36
CA LYS A 259 8.40 -3.35 14.43
C LYS A 259 8.70 -3.80 15.88
N LYS A 260 8.68 -2.85 16.82
CA LYS A 260 8.93 -3.11 18.25
C LYS A 260 7.61 -3.08 19.03
N ASP A 261 6.49 -2.68 18.36
CA ASP A 261 5.15 -2.58 18.93
C ASP A 261 4.66 -3.97 19.41
N ARG A 262 3.91 -3.99 20.51
CA ARG A 262 3.40 -5.20 21.16
C ARG A 262 2.44 -5.97 20.24
N TRP A 263 1.44 -5.29 19.64
CA TRP A 263 0.51 -5.99 18.76
C TRP A 263 1.24 -6.54 17.52
N TYR A 264 2.18 -5.74 16.97
CA TYR A 264 2.98 -6.13 15.81
C TYR A 264 3.76 -7.45 16.07
N ASN A 265 4.25 -7.67 17.31
CA ASN A 265 4.98 -8.88 17.73
C ASN A 265 4.09 -9.92 18.47
N LYS A 266 2.77 -9.73 18.44
CA LYS A 266 1.84 -10.63 19.11
C LYS A 266 1.58 -11.85 18.26
N PRO A 267 1.85 -13.07 18.77
CA PRO A 267 1.50 -14.28 18.00
C PRO A 267 -0.03 -14.40 17.94
N LEU A 268 -0.55 -14.51 16.71
CA LEU A 268 -1.98 -14.55 16.44
C LEU A 268 -2.34 -15.54 15.35
N LYS A 269 -1.58 -15.52 14.25
CA LYS A 269 -1.87 -16.31 13.07
C LYS A 269 -1.03 -17.55 12.92
N LYS A 270 -1.69 -18.64 12.55
CA LYS A 270 -1.08 -19.92 12.18
C LYS A 270 -0.60 -19.77 10.73
N GLY A 271 0.39 -20.55 10.31
CA GLY A 271 0.85 -20.55 8.93
C GLY A 271 -0.20 -21.13 8.01
N ALA A 272 0.01 -21.11 6.68
CA ALA A 272 -0.98 -21.67 5.76
C ALA A 272 -1.08 -23.18 6.00
N LYS A 273 -2.30 -23.67 6.30
CA LYS A 273 -2.60 -25.07 6.60
C LYS A 273 -2.00 -26.00 5.53
N ARG A 274 -1.02 -26.82 5.95
CA ARG A 274 -0.31 -27.77 5.10
C ARG A 274 -1.08 -29.10 5.02
N PRO A 275 -0.95 -29.89 3.92
CA PRO A 275 -1.72 -31.16 3.82
C PRO A 275 -1.30 -32.17 4.91
N ARG A 276 -2.31 -32.72 5.64
CA ARG A 276 -2.07 -33.67 6.74
C ARG A 276 -3.05 -34.86 6.76
N VAL A 277 -2.52 -36.04 7.16
CA VAL A 277 -3.28 -37.30 7.32
C VAL A 277 -3.00 -37.86 8.73
N THR A 278 -3.93 -38.68 9.27
CA THR A 278 -3.79 -39.24 10.62
C THR A 278 -3.57 -40.77 10.63
N SER A 279 -3.09 -41.31 11.79
CA SER A 279 -2.78 -42.70 12.14
C SER A 279 -1.46 -43.17 11.55
O1 HK1 B . 0.50 -1.05 -11.69
C1 HK1 B . -0.20 -2.24 -11.62
C6 HK1 B . -1.58 -2.19 -11.52
C5 HK1 B . -2.31 -3.35 -11.42
C4 HK1 B . -1.68 -4.59 -11.42
C3 HK1 B . -0.28 -4.62 -11.53
C2 HK1 B . 0.45 -3.45 -11.62
C7 HK1 B . -2.45 -5.84 -11.24
C9 HK1 B . -3.79 -6.01 -10.97
C10 HK1 B . -5.09 -5.33 -10.74
C11 HK1 B . -6.02 -6.45 -10.38
C18 HK1 B . -5.37 -7.66 -10.47
C8 HK1 B . -3.98 -7.44 -10.84
N2 HK1 B . -2.81 -8.07 -11.03
N1 HK1 B . -1.90 -7.08 -11.26
C17 HK1 B . -6.05 -8.86 -10.21
C15 HK1 B . -7.39 -8.81 -9.85
O3 HK1 B . -8.17 -9.91 -9.58
C16 HK1 B . -7.55 -11.21 -9.64
C13 HK1 B . -8.05 -7.56 -9.75
C12 HK1 B . -7.36 -6.39 -10.01
O2 HK1 B . -9.38 -7.63 -9.43
C14 HK1 B . -10.13 -6.41 -9.42
H2 HK1 B . 1.47 -1.23 -11.75
H6 HK1 B . -2.10 -1.22 -11.52
H5 HK1 B . -3.40 -3.29 -11.35
H4 HK1 B . 0.28 -5.56 -11.53
H3 HK1 B . 1.53 -3.52 -11.68
H8 HK1 B . -5.43 -4.81 -11.65
H7 HK1 B . -5.03 -4.57 -9.96
H1 HK1 B . -0.95 -7.37 -11.44
H10 HK1 B . -5.49 -9.78 -10.37
H161 HK1 B . -7.24 -11.46 -10.65
H162 HK1 B . -8.38 -11.87 -9.37
H163 HK1 B . -6.74 -11.36 -8.94
H9 HK1 B . -7.79 -5.40 -9.95
H143 HK1 B . -10.18 -5.97 -10.40
H141 HK1 B . -11.11 -6.74 -9.10
H142 HK1 B . -9.78 -5.68 -8.70
S SO4 C . 7.72 15.58 -6.81
O1 SO4 C . 9.04 15.00 -7.18
O2 SO4 C . 6.64 14.76 -7.43
O3 SO4 C . 7.59 15.61 -5.36
O4 SO4 C . 7.61 16.96 -7.33
C1 GOL D . -13.07 2.01 1.30
O1 GOL D . -12.35 2.96 0.48
C2 GOL D . -12.31 1.42 2.50
O2 GOL D . -11.36 0.42 2.12
C3 GOL D . -13.40 0.79 3.36
O3 GOL D . -12.86 -0.02 4.41
C1 IPA E . -5.43 9.98 19.56
C2 IPA E . -4.05 10.50 19.15
C3 IPA E . -4.28 11.79 18.37
O2 IPA E . -3.24 9.52 18.41
#